data_8UGU
#
_entry.id   8UGU
#
_cell.length_a   65.396
_cell.length_b   99.604
_cell.length_c   119.236
_cell.angle_alpha   90.00
_cell.angle_beta   90.00
_cell.angle_gamma   90.00
#
_symmetry.space_group_name_H-M   'P 21 21 21'
#
loop_
_entity.id
_entity.type
_entity.pdbx_description
1 polymer 'Bromodomain-containing protein 2'
2 non-polymer 2-(2-METHOXYETHOXY)ETHANOL
3 non-polymer 'methyl [(4S)-6-(1H-indol-4-yl)-8-methoxy-1-methyl-4H-[1,2,4]triazolo[4,3-a][1,4]benzodiazepin-4-yl]acetate'
4 water water
#
_entity_poly.entity_id   1
_entity_poly.type   'polypeptide(L)'
_entity_poly.pdbx_seq_one_letter_code
;GSHMQDPEQLKHCNGILKELLSKKHAAYAWPFYKPVDASALGLHDYHDIIKHPMDLSTVKRKMENRDYRDAQEFAADVRL
MFSNCYKYNPPDHDVVAMARKLQDVFEFRYAKMPD
;
_entity_poly.pdbx_strand_id   A,B,C,D
#
loop_
_chem_comp.id
_chem_comp.type
_chem_comp.name
_chem_comp.formula
59E non-polymer 'methyl [(4S)-6-(1H-indol-4-yl)-8-methoxy-1-methyl-4H-[1,2,4]triazolo[4,3-a][1,4]benzodiazepin-4-yl]acetate' 'C23 H21 N5 O3'
PG0 non-polymer 2-(2-METHOXYETHOXY)ETHANOL 'C5 H12 O3'
#
# COMPACT_ATOMS: atom_id res chain seq x y z
N PRO A 7 37.15 -3.90 26.10
CA PRO A 7 35.85 -4.52 25.80
C PRO A 7 34.70 -3.81 26.50
N GLU A 8 35.03 -3.04 27.54
CA GLU A 8 34.01 -2.20 28.17
C GLU A 8 33.50 -1.14 27.21
N GLN A 9 34.34 -0.71 26.27
CA GLN A 9 33.90 0.30 25.30
C GLN A 9 32.92 -0.27 24.30
N LEU A 10 33.04 -1.57 23.99
CA LEU A 10 32.02 -2.22 23.18
C LEU A 10 30.67 -2.22 23.88
N LYS A 11 30.67 -2.27 25.21
CA LYS A 11 29.41 -2.20 25.94
C LYS A 11 28.73 -0.85 25.72
N HIS A 12 29.51 0.25 25.73
CA HIS A 12 28.94 1.56 25.46
C HIS A 12 28.43 1.66 24.03
N CYS A 13 29.12 1.00 23.09
CA CYS A 13 28.65 0.99 21.71
C CYS A 13 27.28 0.36 21.60
N ASN A 14 27.03 -0.69 22.39
CA ASN A 14 25.70 -1.28 22.41
C ASN A 14 24.67 -0.28 22.88
N GLY A 15 25.02 0.55 23.87
CA GLY A 15 24.09 1.57 24.33
C GLY A 15 23.85 2.66 23.29
N ILE A 16 24.89 3.00 22.53
CA ILE A 16 24.73 3.95 21.43
C ILE A 16 23.82 3.37 20.37
N LEU A 17 24.02 2.09 20.02
CA LEU A 17 23.18 1.45 19.02
C LEU A 17 21.73 1.37 19.49
N LYS A 18 21.51 1.06 20.77
CA LYS A 18 20.15 1.06 21.31
C LYS A 18 19.54 2.45 21.20
N GLU A 19 20.34 3.50 21.39
CA GLU A 19 19.85 4.87 21.32
C GLU A 19 19.41 5.21 19.90
N LEU A 20 20.22 4.87 18.91
CA LEU A 20 19.86 5.16 17.52
C LEU A 20 18.59 4.43 17.09
N LEU A 21 18.35 3.24 17.63
CA LEU A 21 17.17 2.46 17.29
C LEU A 21 15.94 2.82 18.10
N SER A 22 16.07 3.76 19.05
CA SER A 22 14.97 4.08 19.96
C SER A 22 13.92 4.95 19.27
N LYS A 23 12.78 5.09 19.94
CA LYS A 23 11.64 5.77 19.33
C LYS A 23 11.84 7.28 19.24
N LYS A 24 12.66 7.86 20.13
CA LYS A 24 12.84 9.31 20.12
C LYS A 24 13.53 9.82 18.86
N HIS A 25 14.20 8.94 18.11
CA HIS A 25 14.86 9.33 16.87
C HIS A 25 14.20 8.72 15.64
N ALA A 26 13.01 8.14 15.79
CA ALA A 26 12.40 7.38 14.71
C ALA A 26 12.03 8.26 13.51
N ALA A 27 11.81 9.56 13.74
CA ALA A 27 11.40 10.43 12.64
C ALA A 27 12.49 10.58 11.59
N TYR A 28 13.75 10.37 11.95
CA TYR A 28 14.85 10.45 10.99
C TYR A 28 15.75 9.21 10.98
N ALA A 29 15.44 8.18 11.76
CA ALA A 29 16.25 6.97 11.76
C ALA A 29 15.63 5.82 10.97
N TRP A 30 14.33 5.87 10.68
CA TRP A 30 13.67 4.72 10.07
C TRP A 30 14.24 4.30 8.71
N PRO A 31 14.77 5.18 7.85
CA PRO A 31 15.36 4.69 6.59
C PRO A 31 16.58 3.81 6.78
N PHE A 32 17.21 3.82 7.96
CA PHE A 32 18.43 3.07 8.20
C PHE A 32 18.21 1.82 9.05
N TYR A 33 16.96 1.46 9.35
CA TYR A 33 16.70 0.28 10.17
C TYR A 33 17.13 -1.01 9.48
N LYS A 34 16.90 -1.09 8.18
CA LYS A 34 17.09 -2.31 7.40
C LYS A 34 17.92 -2.01 6.17
N PRO A 35 18.49 -3.03 5.52
CA PRO A 35 19.28 -2.77 4.31
C PRO A 35 18.44 -2.11 3.23
N VAL A 36 19.10 -1.27 2.43
CA VAL A 36 18.43 -0.65 1.29
C VAL A 36 17.95 -1.75 0.36
N ASP A 37 16.64 -1.82 0.14
CA ASP A 37 16.04 -2.78 -0.79
C ASP A 37 15.94 -2.10 -2.14
N ALA A 38 16.98 -2.26 -2.96
CA ALA A 38 17.06 -1.52 -4.21
C ALA A 38 15.90 -1.86 -5.14
N SER A 39 15.52 -3.14 -5.20
CA SER A 39 14.41 -3.55 -6.06
C SER A 39 13.10 -2.90 -5.61
N ALA A 40 12.78 -3.02 -4.32
CA ALA A 40 11.53 -2.47 -3.80
C ALA A 40 11.45 -0.96 -3.99
N LEU A 41 12.59 -0.26 -3.93
CA LEU A 41 12.60 1.18 -4.06
C LEU A 41 12.71 1.65 -5.51
N GLY A 42 12.93 0.74 -6.45
CA GLY A 42 13.07 1.12 -7.84
C GLY A 42 14.41 1.70 -8.22
N LEU A 43 15.46 1.40 -7.47
CA LEU A 43 16.80 1.88 -7.79
C LEU A 43 17.52 0.85 -8.66
N HIS A 44 17.89 1.26 -9.87
CA HIS A 44 18.50 0.34 -10.83
C HIS A 44 20.02 0.29 -10.74
N ASP A 45 20.64 1.13 -9.92
CA ASP A 45 22.09 1.23 -9.91
C ASP A 45 22.69 1.35 -8.51
N TYR A 46 21.92 1.04 -7.46
CA TYR A 46 22.40 1.31 -6.10
C TYR A 46 23.63 0.48 -5.76
N HIS A 47 23.62 -0.81 -6.09
CA HIS A 47 24.73 -1.68 -5.71
C HIS A 47 25.94 -1.53 -6.63
N ASP A 48 25.79 -0.86 -7.77
CA ASP A 48 26.97 -0.53 -8.58
C ASP A 48 27.72 0.68 -8.02
N ILE A 49 27.00 1.56 -7.32
CA ILE A 49 27.61 2.72 -6.68
C ILE A 49 28.01 2.43 -5.24
N ILE A 50 27.16 1.72 -4.50
CA ILE A 50 27.42 1.37 -3.11
C ILE A 50 27.95 -0.06 -3.09
N LYS A 51 29.27 -0.20 -2.86
CA LYS A 51 29.91 -1.52 -2.87
C LYS A 51 29.81 -2.24 -1.53
N HIS A 52 29.63 -1.51 -0.43
CA HIS A 52 29.55 -2.10 0.91
C HIS A 52 28.32 -1.55 1.62
N PRO A 53 27.15 -2.10 1.35
CA PRO A 53 25.94 -1.64 2.06
C PRO A 53 26.03 -1.90 3.56
N MET A 54 25.33 -1.05 4.30
CA MET A 54 25.35 -1.10 5.75
C MET A 54 24.08 -0.46 6.30
N ASP A 55 23.56 -1.01 7.39
CA ASP A 55 22.38 -0.47 8.06
C ASP A 55 22.46 -0.79 9.54
N LEU A 56 21.48 -0.26 10.30
CA LEU A 56 21.52 -0.44 11.75
C LEU A 56 21.28 -1.89 12.14
N SER A 57 20.44 -2.62 11.41
CA SER A 57 20.19 -4.01 11.76
C SER A 57 21.41 -4.88 11.50
N THR A 58 22.18 -4.58 10.45
CA THR A 58 23.44 -5.29 10.24
C THR A 58 24.42 -5.01 11.36
N VAL A 59 24.46 -3.76 11.84
CA VAL A 59 25.34 -3.42 12.95
C VAL A 59 24.92 -4.15 14.21
N LYS A 60 23.61 -4.28 14.44
CA LYS A 60 23.13 -5.03 15.59
C LYS A 60 23.49 -6.51 15.46
N ARG A 61 23.43 -7.05 14.24
CA ARG A 61 23.77 -8.46 14.05
C ARG A 61 25.25 -8.71 14.30
N LYS A 62 26.11 -7.88 13.72
CA LYS A 62 27.55 -8.00 13.97
C LYS A 62 27.88 -7.70 15.43
N MET A 63 27.09 -6.83 16.07
CA MET A 63 27.28 -6.58 17.50
C MET A 63 27.01 -7.85 18.31
N GLU A 64 25.91 -8.54 18.01
CA GLU A 64 25.54 -9.73 18.77
C GLU A 64 26.48 -10.89 18.51
N ASN A 65 27.02 -11.00 17.29
CA ASN A 65 27.96 -12.07 16.96
C ASN A 65 29.40 -11.72 17.28
N ARG A 66 29.63 -10.71 18.12
CA ARG A 66 30.97 -10.34 18.57
C ARG A 66 31.92 -10.12 17.42
N ASP A 67 31.44 -9.45 16.36
CA ASP A 67 32.24 -9.23 15.15
C ASP A 67 33.08 -7.96 15.21
N TYR A 68 32.80 -7.06 16.15
CA TYR A 68 33.57 -5.83 16.31
C TYR A 68 34.65 -6.05 17.36
N ARG A 69 35.91 -5.87 16.98
CA ARG A 69 37.01 -6.06 17.92
C ARG A 69 37.19 -4.87 18.85
N ASP A 70 36.70 -3.69 18.47
CA ASP A 70 36.82 -2.50 19.29
C ASP A 70 35.74 -1.51 18.87
N ALA A 71 35.67 -0.39 19.61
CA ALA A 71 34.69 0.64 19.32
C ALA A 71 34.93 1.28 17.95
N GLN A 72 36.18 1.38 17.53
CA GLN A 72 36.49 2.05 16.27
C GLN A 72 35.96 1.27 15.08
N GLU A 73 35.99 -0.06 15.16
CA GLU A 73 35.39 -0.88 14.12
C GLU A 73 33.87 -0.69 14.08
N PHE A 74 33.25 -0.57 15.26
CA PHE A 74 31.83 -0.26 15.32
C PHE A 74 31.53 1.09 14.70
N ALA A 75 32.30 2.12 15.07
CA ALA A 75 32.06 3.46 14.53
C ALA A 75 32.32 3.50 13.02
N ALA A 76 33.24 2.66 12.53
CA ALA A 76 33.52 2.63 11.10
C ALA A 76 32.31 2.12 10.32
N ASP A 77 31.57 1.17 10.89
CA ASP A 77 30.39 0.66 10.20
C ASP A 77 29.26 1.67 10.22
N VAL A 78 29.07 2.35 11.35
CA VAL A 78 28.00 3.35 11.44
C VAL A 78 28.27 4.49 10.45
N ARG A 79 29.52 4.92 10.35
CA ARG A 79 29.86 5.99 9.43
C ARG A 79 29.79 5.53 7.98
N LEU A 80 30.10 4.26 7.72
CA LEU A 80 29.91 3.72 6.37
C LEU A 80 28.45 3.82 5.94
N MET A 81 27.53 3.58 6.88
CA MET A 81 26.11 3.64 6.55
C MET A 81 25.70 5.06 6.15
N PHE A 82 26.24 6.07 6.84
CA PHE A 82 25.95 7.45 6.47
C PHE A 82 26.66 7.84 5.19
N SER A 83 27.89 7.37 4.99
CA SER A 83 28.63 7.72 3.79
C SER A 83 27.95 7.16 2.54
N ASN A 84 27.40 5.95 2.64
CA ASN A 84 26.66 5.39 1.51
C ASN A 84 25.49 6.28 1.12
N CYS A 85 24.78 6.81 2.13
CA CYS A 85 23.66 7.69 1.87
C CYS A 85 24.11 8.97 1.20
N TYR A 86 25.18 9.59 1.72
CA TYR A 86 25.71 10.82 1.12
C TYR A 86 26.26 10.56 -0.28
N LYS A 87 26.82 9.37 -0.50
CA LYS A 87 27.40 9.05 -1.80
C LYS A 87 26.33 8.87 -2.86
N TYR A 88 25.27 8.13 -2.53
CA TYR A 88 24.25 7.81 -3.53
C TYR A 88 23.30 8.97 -3.78
N ASN A 89 22.99 9.78 -2.75
CA ASN A 89 21.97 10.79 -2.92
C ASN A 89 22.58 12.18 -3.11
N PRO A 90 21.88 13.08 -3.82
CA PRO A 90 22.34 14.47 -3.88
C PRO A 90 22.19 15.14 -2.53
N PRO A 91 22.99 16.18 -2.25
CA PRO A 91 22.93 16.81 -0.92
C PRO A 91 21.59 17.46 -0.59
N ASP A 92 20.81 17.88 -1.60
CA ASP A 92 19.50 18.49 -1.39
C ASP A 92 18.44 17.46 -1.00
N HIS A 93 18.75 16.18 -1.10
CA HIS A 93 17.72 15.18 -0.89
CA HIS A 93 17.77 15.11 -0.88
C HIS A 93 17.36 15.03 0.59
N ASP A 94 16.12 14.58 0.82
CA ASP A 94 15.57 14.54 2.18
CA ASP A 94 15.59 14.54 2.19
C ASP A 94 16.21 13.45 3.03
N VAL A 95 16.44 12.26 2.44
CA VAL A 95 17.08 11.17 3.20
C VAL A 95 18.45 11.60 3.70
N VAL A 96 19.10 12.54 3.00
CA VAL A 96 20.39 13.02 3.47
C VAL A 96 20.21 13.88 4.71
N ALA A 97 19.14 14.69 4.74
CA ALA A 97 18.87 15.51 5.91
C ALA A 97 18.57 14.65 7.14
N MET A 98 17.86 13.53 6.94
CA MET A 98 17.68 12.58 8.03
C MET A 98 19.00 11.97 8.46
N ALA A 99 19.86 11.63 7.49
CA ALA A 99 21.14 11.03 7.82
C ALA A 99 21.99 11.99 8.66
N ARG A 100 21.95 13.28 8.34
CA ARG A 100 22.75 14.24 9.11
C ARG A 100 22.25 14.37 10.53
N LYS A 101 20.93 14.38 10.73
CA LYS A 101 20.38 14.41 12.08
C LYS A 101 20.84 13.20 12.88
N LEU A 102 20.69 12.01 12.31
CA LEU A 102 21.06 10.80 13.03
C LEU A 102 22.56 10.73 13.25
N GLN A 103 23.36 11.15 12.27
CA GLN A 103 24.81 11.17 12.48
C GLN A 103 25.20 12.16 13.57
N ASP A 104 24.48 13.29 13.66
CA ASP A 104 24.74 14.24 14.72
C ASP A 104 24.46 13.64 16.09
N VAL A 105 23.45 12.77 16.19
CA VAL A 105 23.20 12.04 17.43
C VAL A 105 24.35 11.06 17.69
N PHE A 106 24.72 10.29 16.68
CA PHE A 106 25.78 9.29 16.87
C PHE A 106 27.10 9.94 17.26
N GLU A 107 27.49 11.00 16.53
CA GLU A 107 28.77 11.65 16.82
C GLU A 107 28.79 12.21 18.24
N PHE A 108 27.65 12.71 18.71
CA PHE A 108 27.57 13.21 20.09
C PHE A 108 27.78 12.08 21.09
N ARG A 109 27.09 10.96 20.93
CA ARG A 109 27.23 9.85 21.86
C ARG A 109 28.61 9.23 21.78
N TYR A 110 29.15 9.07 20.56
CA TYR A 110 30.46 8.48 20.41
C TYR A 110 31.56 9.36 20.99
N ALA A 111 31.36 10.68 20.96
CA ALA A 111 32.36 11.59 21.51
C ALA A 111 32.38 11.56 23.04
N LYS A 112 31.20 11.46 23.66
CA LYS A 112 31.05 11.36 25.11
C LYS A 112 31.52 10.00 25.67
N MET A 113 32.08 9.15 24.84
CA MET A 113 32.52 7.82 25.26
C MET A 113 33.87 7.90 25.96
N PRO A 114 34.04 7.23 27.11
CA PRO A 114 35.32 7.12 27.82
C PRO A 114 36.45 6.58 26.94
N PRO B 7 -25.74 3.86 7.89
CA PRO B 7 -26.52 4.62 8.87
C PRO B 7 -25.66 5.62 9.64
N GLU B 8 -24.74 5.10 10.47
CA GLU B 8 -23.78 5.98 11.13
C GLU B 8 -22.78 6.54 10.13
N GLN B 9 -22.40 5.75 9.13
CA GLN B 9 -21.52 6.25 8.08
C GLN B 9 -22.15 7.40 7.33
N LEU B 10 -23.48 7.39 7.16
CA LEU B 10 -24.14 8.45 6.41
C LEU B 10 -24.15 9.77 7.19
N LYS B 11 -24.08 9.71 8.52
CA LYS B 11 -23.96 10.94 9.29
C LYS B 11 -22.58 11.57 9.11
N HIS B 12 -21.54 10.74 9.05
CA HIS B 12 -20.20 11.25 8.77
C HIS B 12 -20.13 11.82 7.36
N CYS B 13 -20.84 11.20 6.41
CA CYS B 13 -20.88 11.72 5.04
C CYS B 13 -21.54 13.09 5.00
N ASN B 14 -22.58 13.29 5.81
CA ASN B 14 -23.20 14.61 5.90
C ASN B 14 -22.22 15.64 6.42
N GLY B 15 -21.35 15.25 7.36
CA GLY B 15 -20.33 16.16 7.85
C GLY B 15 -19.28 16.46 6.82
N ILE B 16 -18.94 15.46 5.98
CA ILE B 16 -17.97 15.69 4.91
C ILE B 16 -18.53 16.66 3.89
N LEU B 17 -19.79 16.45 3.50
CA LEU B 17 -20.43 17.33 2.53
C LEU B 17 -20.54 18.75 3.06
N LYS B 18 -20.95 18.90 4.33
CA LYS B 18 -20.99 20.21 4.95
C LYS B 18 -19.61 20.87 4.92
N GLU B 19 -18.56 20.09 5.11
CA GLU B 19 -17.20 20.65 5.12
C GLU B 19 -16.79 21.12 3.73
N LEU B 20 -17.15 20.34 2.69
CA LEU B 20 -16.81 20.73 1.33
C LEU B 20 -17.53 22.01 0.92
N LEU B 21 -18.70 22.27 1.49
CA LEU B 21 -19.49 23.45 1.16
C LEU B 21 -19.18 24.64 2.07
N SER B 22 -18.25 24.50 3.01
CA SER B 22 -18.00 25.56 3.97
C SER B 22 -17.13 26.66 3.37
N LYS B 23 -17.13 27.81 4.04
CA LYS B 23 -16.48 29.00 3.51
C LYS B 23 -14.97 28.82 3.36
N LYS B 24 -14.36 27.99 4.22
CA LYS B 24 -12.91 27.84 4.20
C LYS B 24 -12.39 27.28 2.88
N HIS B 25 -13.25 26.60 2.10
CA HIS B 25 -12.83 26.01 0.84
C HIS B 25 -13.45 26.72 -0.36
N ALA B 26 -14.09 27.87 -0.15
CA ALA B 26 -14.88 28.49 -1.21
C ALA B 26 -14.02 28.93 -2.38
N ALA B 27 -12.77 29.29 -2.13
CA ALA B 27 -11.91 29.80 -3.20
C ALA B 27 -11.66 28.76 -4.29
N TYR B 28 -11.78 27.47 -3.98
CA TYR B 28 -11.60 26.43 -4.98
C TYR B 28 -12.76 25.45 -5.09
N ALA B 29 -13.80 25.58 -4.26
CA ALA B 29 -14.94 24.69 -4.35
C ALA B 29 -16.09 25.25 -5.18
N TRP B 30 -16.12 26.56 -5.41
CA TRP B 30 -17.29 27.17 -6.02
C TRP B 30 -17.64 26.67 -7.42
N PRO B 31 -16.71 26.22 -8.27
CA PRO B 31 -17.15 25.64 -9.55
C PRO B 31 -18.00 24.39 -9.38
N PHE B 32 -17.99 23.76 -8.22
CA PHE B 32 -18.67 22.49 -7.99
C PHE B 32 -19.93 22.64 -7.14
N TYR B 33 -20.32 23.87 -6.77
CA TYR B 33 -21.51 24.07 -5.96
C TYR B 33 -22.77 23.64 -6.71
N LYS B 34 -22.89 24.01 -7.98
CA LYS B 34 -24.11 23.87 -8.77
C LYS B 34 -23.82 23.05 -10.01
N PRO B 35 -24.85 22.47 -10.63
CA PRO B 35 -24.63 21.69 -11.86
C PRO B 35 -24.03 22.56 -12.95
N VAL B 36 -23.12 21.97 -13.73
CA VAL B 36 -22.53 22.71 -14.84
C VAL B 36 -23.64 23.11 -15.81
N ASP B 37 -23.75 24.41 -16.07
CA ASP B 37 -24.76 24.94 -16.98
C ASP B 37 -24.08 25.12 -18.33
N ALA B 38 -24.23 24.11 -19.19
CA ALA B 38 -23.51 24.13 -20.47
C ALA B 38 -23.94 25.32 -21.33
N SER B 39 -25.22 25.67 -21.31
CA SER B 39 -25.70 26.80 -22.11
C SER B 39 -25.15 28.12 -21.57
N ALA B 40 -25.24 28.34 -20.26
CA ALA B 40 -24.79 29.60 -19.67
C ALA B 40 -23.30 29.82 -19.86
N LEU B 41 -22.50 28.75 -19.87
CA LEU B 41 -21.06 28.84 -20.00
C LEU B 41 -20.58 28.79 -21.44
N GLY B 42 -21.48 28.67 -22.40
CA GLY B 42 -21.08 28.61 -23.80
C GLY B 42 -20.43 27.33 -24.22
N LEU B 43 -20.72 26.23 -23.53
CA LEU B 43 -20.17 24.92 -23.84
C LEU B 43 -21.18 24.15 -24.67
N HIS B 44 -20.78 23.72 -25.87
CA HIS B 44 -21.66 23.04 -26.79
C HIS B 44 -21.40 21.54 -26.87
N ASP B 45 -20.35 21.05 -26.22
CA ASP B 45 -20.03 19.62 -26.24
C ASP B 45 -19.87 19.03 -24.85
N TYR B 46 -20.33 19.72 -23.80
CA TYR B 46 -20.13 19.21 -22.44
C TYR B 46 -20.89 17.91 -22.24
N HIS B 47 -22.16 17.88 -22.61
CA HIS B 47 -22.98 16.68 -22.45
C HIS B 47 -22.68 15.61 -23.48
N ASP B 48 -21.91 15.92 -24.53
CA ASP B 48 -21.41 14.89 -25.44
C ASP B 48 -20.23 14.14 -24.82
N ILE B 49 -19.51 14.80 -23.91
CA ILE B 49 -18.36 14.20 -23.24
C ILE B 49 -18.72 13.69 -21.86
N ILE B 50 -19.49 14.47 -21.10
CA ILE B 50 -19.90 14.09 -19.75
C ILE B 50 -21.31 13.50 -19.83
N LYS B 51 -21.41 12.19 -19.60
CA LYS B 51 -22.67 11.48 -19.68
C LYS B 51 -23.43 11.44 -18.36
N HIS B 52 -22.75 11.62 -17.24
CA HIS B 52 -23.34 11.54 -15.91
C HIS B 52 -22.90 12.77 -15.14
N PRO B 53 -23.59 13.90 -15.33
CA PRO B 53 -23.21 15.12 -14.59
C PRO B 53 -23.39 14.91 -13.09
N MET B 54 -22.58 15.63 -12.31
CA MET B 54 -22.65 15.54 -10.86
C MET B 54 -22.07 16.81 -10.26
N ASP B 55 -22.63 17.23 -9.13
CA ASP B 55 -22.18 18.45 -8.44
C ASP B 55 -22.60 18.35 -6.98
N LEU B 56 -22.07 19.27 -6.17
CA LEU B 56 -22.27 19.18 -4.72
C LEU B 56 -23.74 19.37 -4.34
N SER B 57 -24.45 20.28 -5.01
CA SER B 57 -25.86 20.47 -4.65
C SER B 57 -26.70 19.25 -4.99
N THR B 58 -26.37 18.56 -6.08
CA THR B 58 -27.04 17.29 -6.38
C THR B 58 -26.73 16.24 -5.31
N VAL B 59 -25.48 16.20 -4.83
CA VAL B 59 -25.12 15.27 -3.77
C VAL B 59 -25.90 15.58 -2.50
N LYS B 60 -26.11 16.87 -2.22
CA LYS B 60 -26.84 17.24 -1.00
C LYS B 60 -28.31 16.87 -1.11
N ARG B 61 -28.91 17.06 -2.29
CA ARG B 61 -30.32 16.73 -2.44
C ARG B 61 -30.54 15.22 -2.34
N LYS B 62 -29.62 14.43 -2.91
CA LYS B 62 -29.70 12.98 -2.74
C LYS B 62 -29.39 12.58 -1.30
N MET B 63 -28.60 13.37 -0.59
CA MET B 63 -28.41 13.15 0.84
C MET B 63 -29.73 13.34 1.57
N GLU B 64 -30.48 14.40 1.22
CA GLU B 64 -31.72 14.70 1.92
C GLU B 64 -32.80 13.69 1.59
N ASN B 65 -32.85 13.23 0.33
CA ASN B 65 -33.84 12.22 -0.06
C ASN B 65 -33.41 10.79 0.30
N ARG B 66 -32.35 10.64 1.10
CA ARG B 66 -31.85 9.33 1.54
C ARG B 66 -31.64 8.39 0.36
N ASP B 67 -30.98 8.90 -0.69
CA ASP B 67 -30.76 8.10 -1.88
C ASP B 67 -29.54 7.20 -1.78
N TYR B 68 -28.56 7.58 -0.97
CA TYR B 68 -27.40 6.73 -0.74
C TYR B 68 -27.66 5.80 0.43
N ARG B 69 -27.27 4.54 0.28
CA ARG B 69 -27.47 3.57 1.35
C ARG B 69 -26.21 3.31 2.16
N ASP B 70 -25.06 3.82 1.73
CA ASP B 70 -23.83 3.70 2.51
C ASP B 70 -22.85 4.76 2.02
N ALA B 71 -21.66 4.77 2.63
CA ALA B 71 -20.67 5.79 2.30
C ALA B 71 -20.10 5.60 0.90
N GLN B 72 -20.00 4.35 0.42
CA GLN B 72 -19.36 4.10 -0.86
C GLN B 72 -20.12 4.76 -2.01
N GLU B 73 -21.46 4.71 -1.97
CA GLU B 73 -22.24 5.34 -3.03
C GLU B 73 -22.10 6.86 -2.96
N PHE B 74 -22.06 7.41 -1.75
CA PHE B 74 -21.77 8.83 -1.57
C PHE B 74 -20.39 9.17 -2.14
N ALA B 75 -19.39 8.36 -1.82
CA ALA B 75 -18.03 8.62 -2.30
C ALA B 75 -17.96 8.50 -3.82
N ALA B 76 -18.72 7.58 -4.39
CA ALA B 76 -18.70 7.42 -5.85
C ALA B 76 -19.25 8.65 -6.55
N ASP B 77 -20.27 9.29 -5.98
CA ASP B 77 -20.82 10.49 -6.58
C ASP B 77 -19.84 11.66 -6.48
N VAL B 78 -19.17 11.80 -5.32
CA VAL B 78 -18.22 12.90 -5.16
C VAL B 78 -17.03 12.71 -6.09
N ARG B 79 -16.56 11.48 -6.23
CA ARG B 79 -15.43 11.23 -7.12
C ARG B 79 -15.83 11.37 -8.59
N LEU B 80 -17.06 10.96 -8.93
CA LEU B 80 -17.57 11.19 -10.28
C LEU B 80 -17.57 12.68 -10.62
N MET B 81 -17.91 13.52 -9.64
CA MET B 81 -17.85 14.95 -9.83
C MET B 81 -16.46 15.41 -10.25
N PHE B 82 -15.42 14.88 -9.60
CA PHE B 82 -14.07 15.30 -9.92
C PHE B 82 -13.60 14.68 -11.23
N SER B 83 -13.99 13.42 -11.49
CA SER B 83 -13.57 12.76 -12.73
C SER B 83 -14.16 13.46 -13.94
N ASN B 84 -15.40 13.93 -13.85
CA ASN B 84 -16.00 14.67 -14.95
C ASN B 84 -15.19 15.94 -15.26
N CYS B 85 -14.72 16.60 -14.20
CA CYS B 85 -13.89 17.78 -14.39
C CYS B 85 -12.57 17.42 -15.06
N TYR B 86 -11.92 16.34 -14.61
CA TYR B 86 -10.67 15.91 -15.23
C TYR B 86 -10.89 15.42 -16.66
N LYS B 87 -12.04 14.81 -16.94
CA LYS B 87 -12.29 14.28 -18.27
C LYS B 87 -12.46 15.40 -19.29
N TYR B 88 -13.22 16.43 -18.94
CA TYR B 88 -13.58 17.47 -19.89
C TYR B 88 -12.49 18.51 -20.10
N ASN B 89 -11.66 18.76 -19.08
CA ASN B 89 -10.70 19.84 -19.19
C ASN B 89 -9.28 19.33 -19.37
N PRO B 90 -8.42 20.08 -20.07
CA PRO B 90 -7.01 19.70 -20.14
C PRO B 90 -6.35 19.81 -18.78
N PRO B 91 -5.28 19.05 -18.54
CA PRO B 91 -4.72 18.99 -17.18
C PRO B 91 -4.09 20.28 -16.68
N ASP B 92 -3.69 21.20 -17.56
CA ASP B 92 -3.14 22.49 -17.16
C ASP B 92 -4.21 23.51 -16.82
N HIS B 93 -5.48 23.12 -16.91
CA HIS B 93 -6.53 24.11 -16.72
CA HIS B 93 -6.59 24.05 -16.71
C HIS B 93 -6.73 24.44 -15.24
N ASP B 94 -7.32 25.63 -15.01
CA ASP B 94 -7.43 26.14 -13.64
CA ASP B 94 -7.43 26.15 -13.65
C ASP B 94 -8.49 25.40 -12.84
N VAL B 95 -9.61 25.07 -13.48
CA VAL B 95 -10.66 24.34 -12.77
C VAL B 95 -10.15 22.96 -12.36
N VAL B 96 -9.19 22.41 -13.10
CA VAL B 96 -8.60 21.13 -12.70
C VAL B 96 -7.78 21.28 -11.43
N ALA B 97 -7.03 22.37 -11.31
CA ALA B 97 -6.25 22.61 -10.09
C ALA B 97 -7.16 22.81 -8.88
N MET B 98 -8.30 23.49 -9.08
CA MET B 98 -9.27 23.62 -8.00
C MET B 98 -9.85 22.27 -7.62
N ALA B 99 -10.13 21.42 -8.62
CA ALA B 99 -10.69 20.10 -8.32
C ALA B 99 -9.72 19.27 -7.51
N ARG B 100 -8.44 19.31 -7.84
CA ARG B 100 -7.45 18.54 -7.08
C ARG B 100 -7.37 19.02 -5.64
N LYS B 101 -7.45 20.34 -5.42
CA LYS B 101 -7.42 20.85 -4.05
C LYS B 101 -8.62 20.37 -3.25
N LEU B 102 -9.81 20.44 -3.85
CA LEU B 102 -11.02 20.01 -3.15
C LEU B 102 -11.07 18.49 -2.99
N GLN B 103 -10.51 17.76 -3.95
CA GLN B 103 -10.49 16.30 -3.81
C GLN B 103 -9.57 15.87 -2.68
N ASP B 104 -8.47 16.59 -2.44
CA ASP B 104 -7.60 16.26 -1.32
C ASP B 104 -8.27 16.52 0.02
N VAL B 105 -9.17 17.50 0.07
CA VAL B 105 -10.00 17.68 1.26
C VAL B 105 -10.94 16.50 1.43
N PHE B 106 -11.63 16.11 0.37
CA PHE B 106 -12.59 15.01 0.47
C PHE B 106 -11.89 13.70 0.81
N GLU B 107 -10.79 13.41 0.13
CA GLU B 107 -10.09 12.14 0.35
C GLU B 107 -9.53 12.07 1.77
N PHE B 108 -9.07 13.19 2.30
CA PHE B 108 -8.61 13.23 3.68
C PHE B 108 -9.74 12.97 4.66
N ARG B 109 -10.87 13.68 4.51
CA ARG B 109 -11.98 13.50 5.42
CA ARG B 109 -11.99 13.50 5.41
C ARG B 109 -12.60 12.10 5.26
N TYR B 110 -12.71 11.61 4.03
CA TYR B 110 -13.29 10.30 3.82
C TYR B 110 -12.41 9.18 4.38
N ALA B 111 -11.09 9.37 4.33
CA ALA B 111 -10.20 8.35 4.89
C ALA B 111 -10.22 8.37 6.41
N LYS B 112 -10.31 9.56 7.01
CA LYS B 112 -10.37 9.68 8.47
C LYS B 112 -11.73 9.25 9.03
N MET B 113 -12.64 8.76 8.21
CA MET B 113 -13.94 8.34 8.69
C MET B 113 -13.79 7.04 9.47
N PRO B 114 -14.41 6.90 10.65
CA PRO B 114 -14.38 5.70 11.50
C PRO B 114 -14.71 4.41 10.75
N PRO C 7 -13.18 -5.16 -20.57
CA PRO C 7 -12.10 -5.99 -21.13
C PRO C 7 -11.05 -5.13 -21.85
N GLU C 8 -11.44 -4.50 -22.96
CA GLU C 8 -10.58 -3.46 -23.54
C GLU C 8 -10.41 -2.31 -22.57
N GLN C 9 -11.39 -2.08 -21.70
CA GLN C 9 -11.22 -1.17 -20.57
C GLN C 9 -10.03 -1.58 -19.74
N LEU C 10 -9.92 -2.87 -19.41
CA LEU C 10 -8.86 -3.34 -18.54
C LEU C 10 -7.49 -3.19 -19.18
N LYS C 11 -7.41 -3.22 -20.52
CA LYS C 11 -6.14 -2.95 -21.18
C LYS C 11 -5.71 -1.50 -21.01
N HIS C 12 -6.67 -0.57 -20.95
CA HIS C 12 -6.34 0.81 -20.63
C HIS C 12 -5.88 0.94 -19.18
N CYS C 13 -6.50 0.17 -18.28
CA CYS C 13 -6.06 0.17 -16.88
C CYS C 13 -4.63 -0.35 -16.77
N ASN C 14 -4.25 -1.29 -17.63
CA ASN C 14 -2.87 -1.76 -17.65
C ASN C 14 -1.93 -0.63 -18.05
N GLY C 15 -2.35 0.22 -18.99
CA GLY C 15 -1.54 1.37 -19.37
C GLY C 15 -1.42 2.40 -18.26
N ILE C 16 -2.52 2.62 -17.52
CA ILE C 16 -2.46 3.50 -16.35
C ILE C 16 -1.47 2.96 -15.34
N LEU C 17 -1.49 1.64 -15.11
CA LEU C 17 -0.58 1.04 -14.14
C LEU C 17 0.88 1.18 -14.57
N LYS C 18 1.17 0.94 -15.85
CA LYS C 18 2.52 1.14 -16.35
C LYS C 18 2.97 2.58 -16.14
N GLU C 19 2.06 3.54 -16.32
CA GLU C 19 2.40 4.94 -16.13
C GLU C 19 2.73 5.23 -14.66
N LEU C 20 1.91 4.71 -13.74
CA LEU C 20 2.17 4.94 -12.32
C LEU C 20 3.50 4.36 -11.88
N LEU C 21 3.92 3.26 -12.49
CA LEU C 21 5.17 2.58 -12.13
C LEU C 21 6.37 3.09 -12.91
N SER C 22 6.19 4.05 -13.82
CA SER C 22 7.26 4.49 -14.69
C SER C 22 8.18 5.47 -13.96
N LYS C 23 9.31 5.78 -14.61
CA LYS C 23 10.35 6.59 -13.98
C LYS C 23 9.93 8.04 -13.83
N LYS C 24 9.07 8.55 -14.72
CA LYS C 24 8.70 9.96 -14.66
C LYS C 24 7.91 10.31 -13.41
N HIS C 25 7.38 9.33 -12.70
CA HIS C 25 6.67 9.56 -11.44
C HIS C 25 7.37 8.95 -10.24
N ALA C 26 8.58 8.43 -10.40
CA ALA C 26 9.22 7.67 -9.33
C ALA C 26 9.52 8.53 -8.11
N ALA C 27 9.64 9.85 -8.29
CA ALA C 27 10.01 10.72 -7.17
C ALA C 27 8.92 10.72 -6.09
N TYR C 28 7.67 10.46 -6.46
CA TYR C 28 6.59 10.39 -5.48
C TYR C 28 5.83 9.07 -5.51
N ALA C 29 6.20 8.13 -6.38
CA ALA C 29 5.51 6.85 -6.45
C ALA C 29 6.21 5.73 -5.69
N TRP C 30 7.49 5.91 -5.34
CA TRP C 30 8.24 4.80 -4.76
C TRP C 30 7.68 4.28 -3.42
N PRO C 31 7.09 5.10 -2.53
CA PRO C 31 6.54 4.51 -1.30
C PRO C 31 5.41 3.51 -1.54
N PHE C 32 4.78 3.52 -2.71
CA PHE C 32 3.63 2.67 -3.00
C PHE C 32 3.98 1.50 -3.92
N TYR C 33 5.27 1.27 -4.20
CA TYR C 33 5.65 0.16 -5.07
C TYR C 33 5.33 -1.19 -4.43
N LYS C 34 5.52 -1.30 -3.12
CA LYS C 34 5.47 -2.58 -2.41
C LYS C 34 4.58 -2.45 -1.18
N PRO C 35 4.13 -3.57 -0.62
CA PRO C 35 3.32 -3.49 0.60
C PRO C 35 4.10 -2.83 1.73
N VAL C 36 3.37 -2.08 2.56
CA VAL C 36 3.99 -1.44 3.72
C VAL C 36 4.56 -2.52 4.63
N ASP C 37 5.87 -2.46 4.86
CA ASP C 37 6.54 -3.40 5.76
C ASP C 37 6.56 -2.77 7.14
N ALA C 38 5.50 -3.03 7.91
CA ALA C 38 5.32 -2.35 9.19
C ALA C 38 6.48 -2.64 10.14
N SER C 39 6.94 -3.89 10.15
CA SER C 39 8.06 -4.24 11.03
C SER C 39 9.33 -3.50 10.64
N ALA C 40 9.67 -3.53 9.35
CA ALA C 40 10.89 -2.88 8.88
C ALA C 40 10.89 -1.38 9.10
N LEU C 41 9.71 -0.76 9.08
CA LEU C 41 9.60 0.69 9.25
C LEU C 41 9.50 1.11 10.73
N GLY C 42 9.46 0.15 11.64
CA GLY C 42 9.26 0.48 13.05
C GLY C 42 7.85 0.86 13.41
N LEU C 43 6.86 0.41 12.65
CA LEU C 43 5.46 0.69 12.92
C LEU C 43 4.84 -0.49 13.65
N HIS C 44 4.20 -0.21 14.79
CA HIS C 44 3.60 -1.26 15.60
C HIS C 44 2.07 -1.26 15.54
N ASP C 45 1.46 -0.21 15.00
CA ASP C 45 0.01 -0.10 14.97
C ASP C 45 -0.55 -0.06 13.55
N TYR C 46 0.28 -0.26 12.52
CA TYR C 46 -0.19 -0.06 11.16
C TYR C 46 -1.33 -1.01 10.82
N HIS C 47 -1.18 -2.29 11.13
CA HIS C 47 -2.22 -3.25 10.80
C HIS C 47 -3.39 -3.20 11.76
N ASP C 48 -3.28 -2.47 12.88
CA ASP C 48 -4.46 -2.18 13.68
C ASP C 48 -5.32 -1.09 13.06
N ILE C 49 -4.69 -0.14 12.37
CA ILE C 49 -5.41 0.96 11.74
C ILE C 49 -5.81 0.62 10.31
N ILE C 50 -4.93 -0.06 9.58
CA ILE C 50 -5.13 -0.34 8.15
C ILE C 50 -5.54 -1.80 8.04
N LYS C 51 -6.85 -2.04 7.85
CA LYS C 51 -7.36 -3.41 7.83
C LYS C 51 -7.15 -4.08 6.47
N HIS C 52 -7.07 -3.31 5.39
CA HIS C 52 -6.91 -3.86 4.04
C HIS C 52 -5.76 -3.15 3.35
N PRO C 53 -4.53 -3.61 3.57
CA PRO C 53 -3.37 -2.98 2.91
C PRO C 53 -3.44 -3.15 1.40
N MET C 54 -2.81 -2.23 0.68
CA MET C 54 -2.82 -2.26 -0.77
C MET C 54 -1.63 -1.47 -1.30
N ASP C 55 -1.07 -1.94 -2.42
CA ASP C 55 0.09 -1.30 -3.03
C ASP C 55 0.09 -1.62 -4.52
N LEU C 56 1.00 -0.95 -5.24
CA LEU C 56 1.01 -1.07 -6.69
C LEU C 56 1.43 -2.46 -7.16
N SER C 57 2.29 -3.15 -6.41
CA SER C 57 2.70 -4.48 -6.85
C SER C 57 1.55 -5.47 -6.73
N THR C 58 0.73 -5.33 -5.69
CA THR C 58 -0.46 -6.16 -5.58
C THR C 58 -1.45 -5.86 -6.70
N VAL C 59 -1.64 -4.57 -7.01
CA VAL C 59 -2.49 -4.19 -8.13
C VAL C 59 -1.96 -4.80 -9.43
N LYS C 60 -0.64 -4.80 -9.60
CA LYS C 60 -0.04 -5.36 -10.81
C LYS C 60 -0.25 -6.88 -10.87
N ARG C 61 -0.10 -7.56 -9.74
CA ARG C 61 -0.29 -9.01 -9.72
C ARG C 61 -1.74 -9.37 -10.05
N LYS C 62 -2.70 -8.64 -9.48
CA LYS C 62 -4.10 -8.91 -9.76
C LYS C 62 -4.47 -8.57 -11.19
N MET C 63 -3.86 -7.52 -11.75
CA MET C 63 -4.12 -7.15 -13.13
C MET C 63 -3.65 -8.24 -14.09
N GLU C 64 -2.48 -8.80 -13.84
CA GLU C 64 -1.90 -9.82 -14.72
C GLU C 64 -2.42 -11.22 -14.46
N ASN C 65 -3.30 -11.40 -13.47
CA ASN C 65 -3.78 -12.74 -13.12
C ASN C 65 -5.30 -12.82 -13.12
N ARG C 66 -5.96 -11.99 -13.93
CA ARG C 66 -7.40 -12.05 -14.15
C ARG C 66 -8.19 -11.91 -12.85
N ASP C 67 -7.75 -11.00 -11.97
CA ASP C 67 -8.41 -10.79 -10.70
C ASP C 67 -9.34 -9.57 -10.69
N TYR C 68 -9.31 -8.76 -11.73
CA TYR C 68 -10.19 -7.61 -11.87
C TYR C 68 -11.24 -7.91 -12.92
N ARG C 69 -12.51 -7.72 -12.57
CA ARG C 69 -13.60 -7.94 -13.52
C ARG C 69 -13.81 -6.74 -14.44
N ASP C 70 -13.54 -5.53 -13.95
CA ASP C 70 -13.74 -4.32 -14.72
C ASP C 70 -12.77 -3.25 -14.23
N ALA C 71 -12.79 -2.10 -14.92
CA ALA C 71 -11.96 -0.98 -14.50
C ALA C 71 -12.32 -0.50 -13.10
N GLN C 72 -13.58 -0.64 -12.70
CA GLN C 72 -14.02 -0.09 -11.41
C GLN C 72 -13.35 -0.80 -10.24
N GLU C 73 -13.19 -2.13 -10.33
CA GLU C 73 -12.49 -2.85 -9.27
C GLU C 73 -11.02 -2.47 -9.23
N PHE C 74 -10.41 -2.23 -10.39
CA PHE C 74 -9.04 -1.76 -10.45
C PHE C 74 -8.90 -0.40 -9.76
N ALA C 75 -9.74 0.56 -10.15
CA ALA C 75 -9.69 1.89 -9.55
C ALA C 75 -9.96 1.85 -8.06
N ALA C 76 -10.84 0.94 -7.62
CA ALA C 76 -11.15 0.83 -6.21
C ALA C 76 -9.93 0.38 -5.41
N ASP C 77 -9.11 -0.50 -5.99
CA ASP C 77 -7.88 -0.91 -5.32
C ASP C 77 -6.88 0.23 -5.24
N VAL C 78 -6.71 0.97 -6.34
CA VAL C 78 -5.75 2.06 -6.36
C VAL C 78 -6.15 3.13 -5.35
N ARG C 79 -7.44 3.47 -5.30
CA ARG C 79 -7.91 4.47 -4.36
C ARG C 79 -7.81 3.98 -2.92
N LEU C 80 -8.02 2.68 -2.69
CA LEU C 80 -7.81 2.12 -1.36
C LEU C 80 -6.37 2.33 -0.91
N MET C 81 -5.41 2.14 -1.82
CA MET C 81 -4.01 2.38 -1.49
C MET C 81 -3.80 3.80 -0.99
N PHE C 82 -4.36 4.79 -1.71
CA PHE C 82 -4.20 6.18 -1.29
C PHE C 82 -4.95 6.45 0.01
N SER C 83 -6.15 5.88 0.18
CA SER C 83 -6.92 6.10 1.40
C SER C 83 -6.19 5.59 2.63
N ASN C 84 -5.58 4.41 2.53
CA ASN C 84 -4.80 3.88 3.64
C ASN C 84 -3.72 4.86 4.06
N CYS C 85 -3.06 5.46 3.08
CA CYS C 85 -2.01 6.44 3.38
C CYS C 85 -2.59 7.66 4.08
N TYR C 86 -3.72 8.17 3.59
CA TYR C 86 -4.35 9.33 4.21
C TYR C 86 -4.84 9.04 5.61
N LYS C 87 -5.32 7.82 5.85
CA LYS C 87 -5.88 7.47 7.16
C LYS C 87 -4.81 7.24 8.22
N TYR C 88 -3.67 6.65 7.85
CA TYR C 88 -2.63 6.37 8.81
C TYR C 88 -1.79 7.59 9.15
N ASN C 89 -1.56 8.49 8.18
CA ASN C 89 -0.62 9.58 8.40
C ASN C 89 -1.35 10.92 8.58
N PRO C 90 -0.75 11.86 9.32
CA PRO C 90 -1.33 13.19 9.42
C PRO C 90 -1.28 13.90 8.07
N PRO C 91 -2.19 14.83 7.82
CA PRO C 91 -2.30 15.42 6.47
C PRO C 91 -1.08 16.23 6.03
N ASP C 92 -0.18 16.56 6.95
CA ASP C 92 1.00 17.36 6.61
C ASP C 92 2.23 16.51 6.29
N HIS C 93 2.16 15.19 6.45
CA HIS C 93 3.35 14.37 6.28
C HIS C 93 3.75 14.28 4.80
N ASP C 94 5.04 14.00 4.57
CA ASP C 94 5.58 14.01 3.21
C ASP C 94 4.98 12.90 2.36
N VAL C 95 4.73 11.73 2.95
CA VAL C 95 4.18 10.63 2.17
C VAL C 95 2.77 10.95 1.71
N VAL C 96 2.05 11.77 2.47
CA VAL C 96 0.71 12.19 2.04
C VAL C 96 0.81 13.14 0.85
N ALA C 97 1.80 14.03 0.85
CA ALA C 97 2.01 14.90 -0.30
C ALA C 97 2.37 14.09 -1.53
N MET C 98 3.18 13.04 -1.36
CA MET C 98 3.49 12.17 -2.49
C MET C 98 2.24 11.43 -2.97
N ALA C 99 1.39 11.00 -2.03
CA ALA C 99 0.18 10.30 -2.40
C ALA C 99 -0.75 11.19 -3.22
N ARG C 100 -0.89 12.45 -2.81
CA ARG C 100 -1.74 13.37 -3.56
C ARG C 100 -1.22 13.59 -4.98
N LYS C 101 0.11 13.71 -5.13
CA LYS C 101 0.66 13.86 -6.48
C LYS C 101 0.35 12.63 -7.33
N LEU C 102 0.59 11.44 -6.78
CA LEU C 102 0.38 10.23 -7.56
C LEU C 102 -1.10 10.01 -7.83
N GLN C 103 -1.97 10.34 -6.87
CA GLN C 103 -3.40 10.19 -7.09
C GLN C 103 -3.90 11.14 -8.17
N ASP C 104 -3.34 12.36 -8.22
CA ASP C 104 -3.73 13.30 -9.27
C ASP C 104 -3.36 12.76 -10.65
N VAL C 105 -2.21 12.08 -10.76
CA VAL C 105 -1.84 11.44 -12.02
C VAL C 105 -2.84 10.33 -12.35
N PHE C 106 -3.18 9.51 -11.37
CA PHE C 106 -4.11 8.41 -11.61
C PHE C 106 -5.49 8.92 -12.00
N GLU C 107 -6.04 9.86 -11.22
CA GLU C 107 -7.38 10.35 -11.48
C GLU C 107 -7.49 10.98 -12.87
N PHE C 108 -6.44 11.69 -13.29
CA PHE C 108 -6.42 12.28 -14.62
C PHE C 108 -6.46 11.20 -15.70
N ARG C 109 -5.59 10.20 -15.59
CA ARG C 109 -5.55 9.14 -16.60
C ARG C 109 -6.81 8.30 -16.56
N TYR C 110 -7.32 8.00 -15.37
CA TYR C 110 -8.56 7.24 -15.27
C TYR C 110 -9.74 8.01 -15.85
N ALA C 111 -9.74 9.33 -15.72
CA ALA C 111 -10.82 10.12 -16.29
C ALA C 111 -10.74 10.17 -17.81
N LYS C 112 -9.54 10.27 -18.36
CA LYS C 112 -9.33 10.31 -19.81
C LYS C 112 -9.49 8.94 -20.46
N MET C 113 -10.02 7.97 -19.75
CA MET C 113 -10.23 6.65 -20.32
C MET C 113 -11.56 6.63 -21.08
N PRO C 114 -11.57 6.14 -22.33
CA PRO C 114 -12.80 5.93 -23.11
C PRO C 114 -13.86 5.12 -22.36
N PRO D 7 -18.46 -20.09 15.24
CA PRO D 7 -17.84 -19.06 16.08
C PRO D 7 -16.71 -19.60 16.96
N GLU D 8 -17.01 -20.57 17.82
CA GLU D 8 -15.94 -21.19 18.60
C GLU D 8 -15.15 -22.20 17.78
N GLN D 9 -15.74 -22.72 16.71
CA GLN D 9 -14.96 -23.53 15.77
C GLN D 9 -14.00 -22.67 14.95
N LEU D 10 -14.38 -21.41 14.70
CA LEU D 10 -13.51 -20.52 13.93
C LEU D 10 -12.26 -20.14 14.69
N LYS D 11 -12.30 -20.14 16.02
CA LYS D 11 -11.08 -19.91 16.80
C LYS D 11 -10.12 -21.08 16.65
N HIS D 12 -10.64 -22.31 16.60
CA HIS D 12 -9.79 -23.47 16.34
C HIS D 12 -9.20 -23.41 14.93
N CYS D 13 -10.01 -22.96 13.96
CA CYS D 13 -9.51 -22.81 12.60
C CYS D 13 -8.38 -21.80 12.53
N ASN D 14 -8.50 -20.71 13.28
CA ASN D 14 -7.44 -19.70 13.29
C ASN D 14 -6.14 -20.29 13.83
N GLY D 15 -6.24 -21.18 14.83
CA GLY D 15 -5.05 -21.85 15.31
C GLY D 15 -4.47 -22.83 14.31
N ILE D 16 -5.34 -23.45 13.49
CA ILE D 16 -4.87 -24.32 12.43
C ILE D 16 -4.13 -23.50 11.37
N LEU D 17 -4.73 -22.39 10.94
CA LEU D 17 -4.10 -21.55 9.93
C LEU D 17 -2.77 -20.99 10.43
N LYS D 18 -2.71 -20.59 11.70
CA LYS D 18 -1.46 -20.13 12.28
C LYS D 18 -0.41 -21.23 12.27
N GLU D 19 -0.84 -22.48 12.50
CA GLU D 19 0.08 -23.61 12.48
C GLU D 19 0.62 -23.86 11.07
N LEU D 20 -0.25 -23.79 10.06
CA LEU D 20 0.20 -24.00 8.69
C LEU D 20 1.22 -22.95 8.25
N LEU D 21 1.14 -21.75 8.82
CA LEU D 21 2.04 -20.66 8.46
C LEU D 21 3.29 -20.61 9.33
N SER D 22 3.43 -21.52 10.29
CA SER D 22 4.56 -21.47 11.21
C SER D 22 5.84 -21.93 10.52
N LYS D 23 6.97 -21.54 11.12
CA LYS D 23 8.28 -21.87 10.56
C LYS D 23 8.56 -23.37 10.56
N LYS D 24 7.84 -24.14 11.38
CA LYS D 24 8.07 -25.58 11.46
C LYS D 24 7.80 -26.25 10.11
N HIS D 25 6.85 -25.74 9.33
CA HIS D 25 6.47 -26.35 8.06
C HIS D 25 6.92 -25.54 6.86
N ALA D 26 7.82 -24.58 7.06
CA ALA D 26 8.19 -23.64 6.00
C ALA D 26 8.85 -24.33 4.81
N ALA D 27 9.52 -25.47 5.03
CA ALA D 27 10.23 -26.12 3.93
C ALA D 27 9.27 -26.64 2.85
N TYR D 28 8.04 -26.95 3.20
CA TYR D 28 7.07 -27.43 2.23
C TYR D 28 5.80 -26.60 2.17
N ALA D 29 5.68 -25.53 2.95
CA ALA D 29 4.50 -24.69 2.91
C ALA D 29 4.67 -23.43 2.09
N TRP D 30 5.91 -23.03 1.80
CA TRP D 30 6.14 -21.74 1.17
C TRP D 30 5.47 -21.55 -0.19
N PRO D 31 5.28 -22.56 -1.05
CA PRO D 31 4.57 -22.29 -2.30
C PRO D 31 3.13 -21.85 -2.11
N PHE D 32 2.53 -22.11 -0.94
CA PHE D 32 1.13 -21.83 -0.70
C PHE D 32 0.91 -20.59 0.17
N TYR D 33 1.97 -19.82 0.44
CA TYR D 33 1.82 -18.61 1.25
C TYR D 33 1.02 -17.55 0.52
N LYS D 34 1.28 -17.37 -0.77
CA LYS D 34 0.77 -16.25 -1.55
C LYS D 34 0.04 -16.76 -2.78
N PRO D 35 -0.81 -15.93 -3.38
CA PRO D 35 -1.47 -16.34 -4.62
C PRO D 35 -0.46 -16.65 -5.71
N VAL D 36 -0.77 -17.67 -6.51
CA VAL D 36 0.09 -18.01 -7.64
C VAL D 36 0.13 -16.83 -8.60
N ASP D 37 1.32 -16.26 -8.78
CA ASP D 37 1.52 -15.20 -9.77
C ASP D 37 1.93 -15.91 -11.06
N ALA D 38 0.91 -16.24 -11.87
CA ALA D 38 1.15 -17.05 -13.06
C ALA D 38 2.12 -16.36 -14.02
N SER D 39 1.98 -15.04 -14.18
CA SER D 39 2.83 -14.34 -15.13
C SER D 39 4.28 -14.27 -14.66
N ALA D 40 4.48 -14.04 -13.35
CA ALA D 40 5.83 -13.97 -12.79
C ALA D 40 6.56 -15.31 -12.87
N LEU D 41 5.83 -16.43 -12.83
CA LEU D 41 6.43 -17.75 -12.90
C LEU D 41 6.52 -18.30 -14.31
N GLY D 42 6.10 -17.52 -15.31
CA GLY D 42 6.18 -17.98 -16.68
C GLY D 42 5.09 -18.96 -17.08
N LEU D 43 3.97 -18.97 -16.37
CA LEU D 43 2.85 -19.84 -16.71
C LEU D 43 1.86 -19.08 -17.58
N HIS D 44 1.38 -19.73 -18.63
CA HIS D 44 0.43 -19.12 -19.54
C HIS D 44 -0.93 -19.78 -19.54
N ASP D 45 -1.10 -20.94 -18.90
CA ASP D 45 -2.36 -21.66 -18.90
C ASP D 45 -2.94 -21.84 -17.50
N TYR D 46 -2.32 -21.26 -16.46
CA TYR D 46 -2.74 -21.57 -15.10
C TYR D 46 -4.19 -21.18 -14.87
N HIS D 47 -4.55 -19.95 -15.21
CA HIS D 47 -5.91 -19.48 -14.98
C HIS D 47 -6.92 -20.06 -15.96
N ASP D 48 -6.46 -20.78 -16.98
CA ASP D 48 -7.38 -21.55 -17.83
C ASP D 48 -7.75 -22.86 -17.15
N ILE D 49 -6.79 -23.50 -16.49
CA ILE D 49 -7.05 -24.76 -15.80
C ILE D 49 -7.63 -24.51 -14.42
N ILE D 50 -7.05 -23.57 -13.67
CA ILE D 50 -7.48 -23.27 -12.31
C ILE D 50 -8.44 -22.09 -12.37
N LYS D 51 -9.71 -22.36 -12.09
CA LYS D 51 -10.73 -21.31 -12.17
C LYS D 51 -10.92 -20.56 -10.86
N HIS D 52 -10.61 -21.18 -9.72
CA HIS D 52 -10.79 -20.56 -8.41
C HIS D 52 -9.48 -20.66 -7.64
N PRO D 53 -8.57 -19.71 -7.84
CA PRO D 53 -7.29 -19.76 -7.12
C PRO D 53 -7.48 -19.55 -5.63
N MET D 54 -6.58 -20.14 -4.85
CA MET D 54 -6.65 -20.04 -3.40
C MET D 54 -5.26 -20.24 -2.81
N ASP D 55 -5.00 -19.55 -1.71
CA ASP D 55 -3.71 -19.63 -1.03
C ASP D 55 -3.91 -19.26 0.44
N LEU D 56 -2.86 -19.47 1.23
CA LEU D 56 -2.99 -19.29 2.68
C LEU D 56 -3.19 -17.82 3.04
N SER D 57 -2.59 -16.89 2.30
CA SER D 57 -2.79 -15.48 2.63
C SER D 57 -4.22 -15.04 2.33
N THR D 58 -4.83 -15.60 1.28
CA THR D 58 -6.23 -15.31 0.99
C THR D 58 -7.14 -15.91 2.05
N VAL D 59 -6.85 -17.13 2.50
CA VAL D 59 -7.59 -17.73 3.60
C VAL D 59 -7.47 -16.86 4.84
N LYS D 60 -6.27 -16.31 5.08
CA LYS D 60 -6.05 -15.48 6.26
C LYS D 60 -6.89 -14.22 6.21
N ARG D 61 -7.00 -13.59 5.04
CA ARG D 61 -7.78 -12.37 4.92
C ARG D 61 -9.28 -12.65 5.07
N LYS D 62 -9.78 -13.70 4.41
CA LYS D 62 -11.16 -14.12 4.63
C LYS D 62 -11.43 -14.46 6.09
N MET D 63 -10.42 -14.99 6.79
CA MET D 63 -10.55 -15.22 8.22
C MET D 63 -10.72 -13.90 8.96
N GLU D 64 -9.88 -12.91 8.65
CA GLU D 64 -9.95 -11.63 9.35
C GLU D 64 -11.22 -10.87 9.01
N ASN D 65 -11.70 -10.98 7.77
CA ASN D 65 -12.93 -10.32 7.36
C ASN D 65 -14.18 -11.04 7.81
N ARG D 66 -14.05 -12.13 8.58
CA ARG D 66 -15.19 -12.92 9.05
C ARG D 66 -16.02 -13.42 7.87
N ASP D 67 -15.35 -13.93 6.84
CA ASP D 67 -16.02 -14.43 5.64
C ASP D 67 -16.45 -15.89 5.75
N TYR D 68 -16.00 -16.61 6.77
CA TYR D 68 -16.35 -18.02 6.94
C TYR D 68 -17.46 -18.14 7.99
N ARG D 69 -18.59 -18.71 7.59
CA ARG D 69 -19.68 -18.94 8.53
C ARG D 69 -19.40 -20.09 9.48
N ASP D 70 -18.66 -21.10 9.03
CA ASP D 70 -18.36 -22.27 9.85
C ASP D 70 -16.97 -22.80 9.52
N ALA D 71 -16.56 -23.86 10.23
CA ALA D 71 -15.28 -24.50 9.97
C ALA D 71 -15.28 -25.22 8.63
N GLN D 72 -16.43 -25.75 8.20
CA GLN D 72 -16.48 -26.49 6.95
C GLN D 72 -16.17 -25.59 5.77
N GLU D 73 -16.62 -24.33 5.80
CA GLU D 73 -16.28 -23.38 4.75
C GLU D 73 -14.78 -23.07 4.77
N PHE D 74 -14.20 -23.00 5.96
CA PHE D 74 -12.76 -22.80 6.07
C PHE D 74 -12.00 -23.96 5.45
N ALA D 75 -12.39 -25.19 5.78
CA ALA D 75 -11.70 -26.36 5.25
C ALA D 75 -11.87 -26.48 3.74
N ALA D 76 -13.01 -26.04 3.20
CA ALA D 76 -13.23 -26.11 1.77
C ALA D 76 -12.24 -25.23 1.02
N ASP D 77 -11.88 -24.08 1.60
CA ASP D 77 -10.89 -23.21 0.96
C ASP D 77 -9.49 -23.82 1.02
N VAL D 78 -9.12 -24.40 2.17
CA VAL D 78 -7.80 -25.00 2.29
C VAL D 78 -7.68 -26.20 1.36
N ARG D 79 -8.74 -27.02 1.26
CA ARG D 79 -8.69 -28.16 0.37
C ARG D 79 -8.69 -27.75 -1.10
N LEU D 80 -9.39 -26.66 -1.43
CA LEU D 80 -9.34 -26.13 -2.79
C LEU D 80 -7.92 -25.72 -3.17
N MET D 81 -7.17 -25.18 -2.20
CA MET D 81 -5.79 -24.79 -2.47
C MET D 81 -4.95 -25.99 -2.86
N PHE D 82 -5.12 -27.11 -2.17
CA PHE D 82 -4.37 -28.31 -2.52
C PHE D 82 -4.88 -28.94 -3.80
N SER D 83 -6.20 -28.91 -4.02
CA SER D 83 -6.76 -29.51 -5.23
C SER D 83 -6.27 -28.78 -6.48
N ASN D 84 -6.21 -27.45 -6.43
CA ASN D 84 -5.66 -26.69 -7.54
C ASN D 84 -4.25 -27.15 -7.86
N CYS D 85 -3.46 -27.40 -6.82
CA CYS D 85 -2.09 -27.83 -7.03
C CYS D 85 -2.05 -29.22 -7.66
N TYR D 86 -2.86 -30.15 -7.14
CA TYR D 86 -2.95 -31.49 -7.73
C TYR D 86 -3.53 -31.44 -9.15
N LYS D 87 -4.46 -30.52 -9.41
CA LYS D 87 -5.09 -30.46 -10.72
C LYS D 87 -4.13 -29.91 -11.77
N TYR D 88 -3.30 -28.95 -11.41
CA TYR D 88 -2.46 -28.30 -12.39
C TYR D 88 -1.15 -29.03 -12.64
N ASN D 89 -0.64 -29.72 -11.63
CA ASN D 89 0.69 -30.31 -11.77
C ASN D 89 0.61 -31.83 -11.92
N PRO D 90 1.58 -32.42 -12.60
CA PRO D 90 1.67 -33.88 -12.63
C PRO D 90 1.93 -34.41 -11.24
N PRO D 91 1.45 -35.63 -10.94
CA PRO D 91 1.56 -36.13 -9.56
C PRO D 91 3.00 -36.38 -9.09
N ASP D 92 3.98 -36.36 -9.98
CA ASP D 92 5.37 -36.59 -9.61
C ASP D 92 6.15 -35.31 -9.34
N HIS D 93 5.52 -34.14 -9.48
CA HIS D 93 6.24 -32.90 -9.34
C HIS D 93 6.51 -32.58 -7.87
N ASP D 94 7.54 -31.76 -7.64
CA ASP D 94 7.96 -31.47 -6.27
C ASP D 94 6.92 -30.64 -5.53
N VAL D 95 6.22 -29.74 -6.22
CA VAL D 95 5.21 -28.94 -5.54
C VAL D 95 4.05 -29.82 -5.10
N VAL D 96 3.80 -30.92 -5.81
CA VAL D 96 2.75 -31.83 -5.38
C VAL D 96 3.16 -32.56 -4.12
N ALA D 97 4.43 -32.98 -4.04
CA ALA D 97 4.93 -33.62 -2.83
C ALA D 97 4.86 -32.67 -1.63
N MET D 98 5.09 -31.38 -1.86
CA MET D 98 4.95 -30.41 -0.78
C MET D 98 3.50 -30.24 -0.38
N ALA D 99 2.59 -30.18 -1.36
CA ALA D 99 1.17 -30.08 -1.04
C ALA D 99 0.70 -31.23 -0.19
N ARG D 100 1.21 -32.44 -0.46
CA ARG D 100 0.78 -33.61 0.30
C ARG D 100 1.24 -33.55 1.74
N LYS D 101 2.48 -33.10 1.98
CA LYS D 101 2.96 -32.95 3.34
C LYS D 101 2.14 -31.92 4.10
N LEU D 102 1.91 -30.75 3.50
CA LEU D 102 1.15 -29.71 4.19
C LEU D 102 -0.30 -30.13 4.39
N GLN D 103 -0.89 -30.86 3.45
CA GLN D 103 -2.26 -31.31 3.63
C GLN D 103 -2.35 -32.32 4.77
N ASP D 104 -1.34 -33.20 4.90
CA ASP D 104 -1.33 -34.14 6.02
C ASP D 104 -1.28 -33.40 7.35
N VAL D 105 -0.56 -32.29 7.41
CA VAL D 105 -0.58 -31.46 8.61
C VAL D 105 -1.98 -30.87 8.83
N PHE D 106 -2.58 -30.34 7.76
CA PHE D 106 -3.91 -29.74 7.90
C PHE D 106 -4.94 -30.78 8.31
N GLU D 107 -4.99 -31.91 7.60
CA GLU D 107 -6.01 -32.91 7.89
C GLU D 107 -5.85 -33.48 9.29
N PHE D 108 -4.61 -33.55 9.79
CA PHE D 108 -4.38 -33.97 11.17
C PHE D 108 -4.97 -32.98 12.15
N ARG D 109 -4.70 -31.68 11.94
CA ARG D 109 -5.23 -30.66 12.85
C ARG D 109 -6.74 -30.53 12.74
N TYR D 110 -7.27 -30.58 11.51
CA TYR D 110 -8.72 -30.42 11.34
C TYR D 110 -9.48 -31.59 11.93
N ALA D 111 -8.85 -32.77 12.00
CA ALA D 111 -9.49 -33.93 12.59
C ALA D 111 -9.56 -33.85 14.10
N LYS D 112 -8.52 -33.34 14.74
CA LYS D 112 -8.48 -33.19 16.19
C LYS D 112 -9.32 -32.01 16.70
N MET D 113 -10.17 -31.42 15.86
CA MET D 113 -11.07 -30.35 16.27
C MET D 113 -12.22 -30.91 17.09
N PRO D 114 -12.76 -30.10 18.02
CA PRO D 114 -14.01 -30.44 18.70
C PRO D 114 -15.20 -30.54 17.74
C5 PG0 E . 20.39 16.01 23.52
O2 PG0 E . 21.04 16.39 22.35
C4 PG0 E . 21.51 15.31 21.58
C3 PG0 E . 22.26 15.82 20.34
O1 PG0 E . 21.61 15.38 19.18
C2 PG0 E . 21.30 16.41 18.27
C1 PG0 E . 20.83 15.82 16.94
OTT PG0 E . 19.43 15.88 16.83
CAW 59E F . 13.71 5.96 -3.27
OAU 59E F . 15.05 5.68 -2.77
CAT 59E F . 15.95 6.63 -2.98
OAV 59E F . 15.85 7.47 -3.83
CAS 59E F . 17.10 6.53 -2.01
CAI 59E F . 16.65 6.13 -0.61
NAH 59E F . 15.77 7.16 -0.06
CAJ 59E F . 17.78 5.88 0.33
NAN 59E F . 19.05 6.19 0.20
NAO 59E F . 19.70 5.75 1.36
CAP 59E F . 18.81 5.22 2.15
CAR 59E F . 19.03 4.62 3.49
NAK 59E F . 17.55 5.29 1.54
CAE 59E F . 16.25 4.82 1.93
CAF 59E F . 16.18 3.56 2.51
CAA 59E F . 14.94 3.04 2.86
CAB 59E F . 13.79 3.76 2.62
OAL 59E F . 12.58 3.24 2.97
CAM 59E F . 12.56 1.99 3.64
CAC 59E F . 13.85 5.01 2.01
CAD 59E F . 15.08 5.56 1.65
CAG 59E F . 15.09 6.89 1.00
CAQ 59E F . 14.22 7.97 1.54
CBB 59E F . 13.62 8.95 0.72
CBE 59E F . 13.64 9.17 -0.70
CBD 59E F . 12.88 10.27 -0.94
NBC 59E F . 12.37 10.75 0.23
CBA 59E F . 12.82 9.96 1.27
CAZ 59E F . 12.58 10.02 2.64
CAY 59E F . 13.17 9.08 3.45
CAX 59E F . 13.98 8.07 2.91
CAW 59E G . -16.23 27.65 -19.28
OAU 59E G . -16.38 26.30 -18.77
CAT 59E G . -15.38 25.47 -19.02
OAV 59E G . -14.62 25.61 -19.93
CAS 59E G . -15.34 24.34 -18.03
CAI 59E G . -15.79 24.76 -16.64
NAH 59E G . -14.83 25.72 -16.09
CAJ 59E G . -15.96 23.62 -15.70
NAN 59E G . -15.58 22.37 -15.84
NAO 59E G . -15.96 21.69 -14.68
CAP 59E G . -16.55 22.54 -13.88
CAR 59E G . -17.11 22.25 -12.55
NAK 59E G . -16.56 23.79 -14.48
CAE 59E G . -17.11 25.05 -14.06
CAF 59E G . -18.36 25.06 -13.48
CAA 59E G . -18.94 26.25 -13.09
CAB 59E G . -18.28 27.44 -13.33
OAL 59E G . -18.88 28.60 -12.93
CAM 59E G . -20.21 28.51 -12.46
CAC 59E G . -17.03 27.46 -13.94
CAD 59E G . -16.42 26.26 -14.33
CAG 59E G . -15.09 26.32 -14.99
CAQ 59E G . -13.99 27.14 -14.42
CBB 59E G . -13.04 27.76 -15.25
CBE 59E G . -12.85 27.79 -16.67
CBD 59E G . -11.75 28.57 -16.90
NBC 59E G . -11.23 29.01 -15.72
CBA 59E G . -12.00 28.53 -14.69
CAZ 59E G . -11.89 28.71 -13.31
CAY 59E G . -12.82 28.09 -12.51
CAX 59E G . -13.86 27.32 -13.04
C5 PG0 H . -6.24 20.56 7.16
O2 PG0 H . -5.66 19.61 6.32
C4 PG0 H . -6.56 18.97 5.44
C3 PG0 H . -5.87 18.66 4.12
O1 PG0 H . -6.61 19.22 3.06
C2 PG0 H . -5.83 19.83 2.07
C1 PG0 H . -6.42 21.21 1.74
OTT PG0 H . -6.18 21.53 0.39
C5 PG0 I . -0.35 15.85 -16.90
O2 PG0 I . -1.08 14.82 -16.32
C4 PG0 I . -1.82 15.19 -15.19
C3 PG0 I . -0.88 15.77 -14.14
O1 PG0 I . -0.83 14.92 -13.03
C2 PG0 I . -0.99 15.57 -11.81
C1 PG0 I . 0.28 15.43 -10.95
OTT PG0 I . 1.40 15.65 -11.75
CAW 59E J . 7.83 5.35 8.81
OAU 59E J . 6.57 5.04 8.18
CAT 59E J . 5.58 5.90 8.40
OAV 59E J . 5.55 6.66 9.33
CAS 59E J . 4.49 5.79 7.36
CAI 59E J . 5.02 5.47 5.97
NAH 59E J . 5.85 6.59 5.49
CAJ 59E J . 3.93 5.19 5.00
NAN 59E J . 2.64 5.39 5.12
NAO 59E J . 2.03 4.97 3.93
CAP 59E J . 2.98 4.53 3.14
CAR 59E J . 2.81 3.99 1.77
NAK 59E J . 4.22 4.67 3.76
CAE 59E J . 5.55 4.33 3.37
CAF 59E J . 5.73 3.10 2.73
CAA 59E J . 7.01 2.71 2.36
CAB 59E J . 8.10 3.49 2.67
OAL 59E J . 9.36 3.08 2.30
CAM 59E J . 9.45 1.90 1.52
CAC 59E J . 7.93 4.70 3.34
CAD 59E J . 6.65 5.13 3.71
CAG 59E J . 6.55 6.44 4.42
CAQ 59E J . 7.31 7.61 3.93
CBB 59E J . 7.82 8.60 4.79
CBE 59E J . 7.77 8.77 6.21
CBD 59E J . 8.43 9.92 6.50
NBC 59E J . 8.91 10.49 5.35
CBA 59E J . 8.54 9.70 4.28
CAZ 59E J . 8.78 9.84 2.92
CAY 59E J . 8.28 8.87 2.07
CAX 59E J . 7.56 7.76 2.57
C5 PG0 K . 3.04 -34.44 13.48
O2 PG0 K . 1.96 -34.75 12.64
C4 PG0 K . 1.80 -33.91 11.54
C3 PG0 K . 1.76 -34.74 10.25
O1 PG0 K . 2.96 -34.61 9.55
C2 PG0 K . 2.80 -34.39 8.18
C1 PG0 K . 4.16 -34.38 7.48
OTT PG0 K . 5.06 -33.55 8.18
CAW 59E L . 6.58 -22.83 -12.22
OAU 59E L . 5.29 -23.07 -11.59
CAT 59E L . 4.72 -24.23 -11.87
OAV 59E L . 5.05 -24.93 -12.79
CAS 59E L . 3.62 -24.58 -10.90
CAI 59E L . 3.90 -24.07 -9.50
NAH 59E L . 5.08 -24.74 -8.95
CAJ 59E L . 2.75 -24.23 -8.56
NAN 59E L . 1.67 -24.97 -8.68
NAO 59E L . 0.92 -24.80 -7.51
CAP 59E L . 1.58 -23.99 -6.73
CAR 59E L . 1.16 -23.53 -5.37
NAK 59E L . 2.76 -23.61 -7.34
CAE 59E L . 3.83 -22.74 -6.94
CAF 59E L . 3.48 -21.53 -6.35
CAA 59E L . 4.46 -20.64 -5.95
CAB 59E L . 5.79 -20.92 -6.19
OAL 59E L . 6.75 -20.02 -5.81
CAM 59E L . 6.32 -18.76 -5.33
CAC 59E L . 6.15 -22.11 -6.82
CAD 59E L . 5.19 -23.03 -7.21
CAG 59E L . 5.63 -24.28 -7.89
CAQ 59E L . 6.83 -25.01 -7.39
CBB 59E L . 7.72 -25.67 -8.25
CBE 59E L . 7.77 -25.82 -9.67
CBD 59E L . 8.88 -26.57 -9.95
NBC 59E L . 9.53 -26.89 -8.80
CBA 59E L . 8.84 -26.36 -7.73
CAZ 59E L . 9.09 -26.40 -6.37
CAY 59E L . 8.21 -25.77 -5.53
CAX 59E L . 7.09 -25.07 -6.02
#